data_2YET
#
_entry.id   2YET
#
_cell.length_a   37.404
_cell.length_b   88.467
_cell.length_c   70.324
_cell.angle_alpha   90.00
_cell.angle_beta   103.41
_cell.angle_gamma   90.00
#
_symmetry.space_group_name_H-M   'P 1 21 1'
#
loop_
_entity.id
_entity.type
_entity.pdbx_description
1 polymer 'GH61 ISOZYME A'
2 non-polymer 'COPPER (II) ION'
3 non-polymer 'ACETYL GROUP'
4 non-polymer 2-acetamido-2-deoxy-beta-D-glucopyranose
5 non-polymer GLYCEROL
6 water water
#
_entity_poly.entity_id   1
_entity_poly.type   'polypeptide(L)'
_entity_poly.pdbx_seq_one_letter_code
;(HIC)GFVQNIVIDGKNYGGYLVNQYPYMSNPPEVIAWSTTATDLGFVDGTGYQTPDIICHRGAKPGALTAPVSPGGTVE
LQWTPWPDSHHGPVINYLAPCNGDCSTVDKTQLEFFKIAESGLINDDNPPGIWASDNLIAANNSWTVTIPTTIAPGNYVL
RHEIIALHSAQNQDGAQNYPQCINLQVTGGGSDNPAGTLGTALYHDTDPGILINIYQKLSSYIIPGPPLYTG
;
_entity_poly.pdbx_strand_id   A,B
#
# COMPACT_ATOMS: atom_id res chain seq x y z
N GLY A 2 -9.47 -2.74 13.27
CA GLY A 2 -8.65 -2.41 12.13
C GLY A 2 -8.10 -3.68 11.51
N PHE A 3 -7.38 -3.52 10.40
CA PHE A 3 -6.79 -4.65 9.71
C PHE A 3 -5.60 -4.16 8.88
N VAL A 4 -4.82 -5.10 8.37
CA VAL A 4 -3.68 -4.76 7.53
C VAL A 4 -4.13 -4.59 6.09
N GLN A 5 -3.89 -3.42 5.52
CA GLN A 5 -4.36 -3.13 4.16
C GLN A 5 -3.25 -3.16 3.11
N ASN A 6 -1.99 -3.12 3.54
CA ASN A 6 -0.88 -3.04 2.61
C ASN A 6 0.40 -3.57 3.24
N ILE A 7 1.23 -4.22 2.42
CA ILE A 7 2.51 -4.74 2.89
C ILE A 7 3.63 -4.29 1.94
N VAL A 8 4.66 -3.66 2.49
CA VAL A 8 5.79 -3.17 1.69
C VAL A 8 6.99 -4.11 1.86
N ILE A 9 7.46 -4.65 0.75
CA ILE A 9 8.60 -5.57 0.75
C ILE A 9 9.49 -5.23 -0.44
N ASP A 10 10.79 -5.10 -0.18
CA ASP A 10 11.78 -4.84 -1.21
CA ASP A 10 11.76 -4.86 -1.25
C ASP A 10 11.40 -3.81 -2.30
N GLY A 11 10.85 -2.68 -1.85
CA GLY A 11 10.55 -1.60 -2.78
C GLY A 11 9.24 -1.64 -3.55
N LYS A 12 8.34 -2.55 -3.17
CA LYS A 12 7.01 -2.59 -3.78
C LYS A 12 5.92 -2.83 -2.75
N ASN A 13 4.69 -2.44 -3.09
CA ASN A 13 3.53 -2.73 -2.27
C ASN A 13 2.90 -4.04 -2.71
N TYR A 14 2.55 -4.86 -1.73
CA TYR A 14 1.62 -5.97 -1.94
C TYR A 14 0.32 -5.61 -1.21
N GLY A 15 -0.79 -5.56 -1.95
CA GLY A 15 -2.08 -5.29 -1.33
C GLY A 15 -2.48 -6.32 -0.29
N GLY A 16 -3.05 -5.86 0.82
CA GLY A 16 -3.51 -6.76 1.87
C GLY A 16 -4.87 -7.38 1.59
N TYR A 17 -5.35 -8.21 2.50
CA TYR A 17 -6.73 -8.70 2.39
C TYR A 17 -7.67 -7.63 2.91
N LEU A 18 -8.32 -6.93 1.99
CA LEU A 18 -9.21 -5.83 2.36
C LEU A 18 -10.55 -6.39 2.84
N VAL A 19 -10.64 -6.62 4.14
CA VAL A 19 -11.74 -7.37 4.73
C VAL A 19 -13.07 -6.60 4.67
N ASN A 20 -13.00 -5.31 4.36
CA ASN A 20 -14.22 -4.50 4.21
C ASN A 20 -14.62 -4.29 2.75
N GLN A 21 -14.01 -5.07 1.85
CA GLN A 21 -14.28 -4.98 0.42
C GLN A 21 -14.40 -6.37 -0.20
N TYR A 22 -13.34 -7.17 -0.05
CA TYR A 22 -13.26 -8.46 -0.75
C TYR A 22 -14.35 -9.48 -0.36
N PRO A 23 -14.70 -9.56 0.93
CA PRO A 23 -15.79 -10.49 1.29
C PRO A 23 -17.12 -10.17 0.61
N TYR A 24 -17.27 -8.97 0.07
CA TYR A 24 -18.52 -8.55 -0.53
C TYR A 24 -18.51 -8.60 -2.06
N MET A 25 -17.34 -8.89 -2.63
N MET A 25 -17.33 -8.75 -2.65
CA MET A 25 -17.15 -8.85 -4.09
CA MET A 25 -17.21 -8.55 -4.09
C MET A 25 -17.22 -10.24 -4.76
C MET A 25 -17.19 -9.85 -4.84
N SER A 26 -16.98 -11.29 -3.98
N SER A 26 -17.39 -9.74 -6.15
CA SER A 26 -17.23 -12.66 -4.44
CA SER A 26 -17.63 -10.89 -6.99
C SER A 26 -16.31 -13.17 -5.54
C SER A 26 -16.82 -10.78 -8.27
N ASN A 27 -15.76 -12.25 -6.33
N ASN A 27 -15.59 -11.30 -8.27
CA ASN A 27 -14.70 -12.57 -7.26
CA ASN A 27 -15.02 -11.96 -7.10
C ASN A 27 -13.45 -11.77 -6.92
C ASN A 27 -13.60 -11.46 -6.82
N PRO A 28 -13.05 -11.80 -5.64
CA PRO A 28 -11.91 -11.03 -5.13
C PRO A 28 -10.55 -11.43 -5.70
N PRO A 29 -9.56 -10.52 -5.60
CA PRO A 29 -8.24 -10.77 -6.18
C PRO A 29 -7.39 -11.72 -5.34
N GLU A 30 -6.37 -12.30 -5.96
CA GLU A 30 -5.38 -13.08 -5.25
C GLU A 30 -4.39 -12.13 -4.59
N VAL A 31 -4.04 -12.42 -3.33
CA VAL A 31 -3.09 -11.58 -2.61
C VAL A 31 -2.19 -12.46 -1.74
N ILE A 32 -1.17 -11.86 -1.13
CA ILE A 32 -0.30 -12.63 -0.23
C ILE A 32 -0.92 -12.79 1.16
N ALA A 33 -1.96 -12.00 1.42
CA ALA A 33 -2.62 -11.99 2.73
C ALA A 33 -3.74 -13.04 2.81
N TRP A 34 -3.89 -13.64 3.99
CA TRP A 34 -4.96 -14.59 4.20
C TRP A 34 -6.31 -13.90 4.17
N SER A 35 -7.30 -14.58 3.63
CA SER A 35 -8.68 -14.10 3.77
C SER A 35 -9.17 -14.37 5.19
N THR A 36 -10.07 -13.53 5.67
CA THR A 36 -10.74 -13.78 6.94
C THR A 36 -12.21 -13.43 6.80
N THR A 37 -13.01 -13.79 7.80
CA THR A 37 -14.41 -13.40 7.84
C THR A 37 -14.66 -12.27 8.85
N ALA A 38 -13.60 -11.61 9.28
CA ALA A 38 -13.70 -10.59 10.31
C ALA A 38 -14.11 -9.24 9.72
N THR A 39 -15.25 -9.23 9.05
CA THR A 39 -15.75 -8.03 8.40
C THR A 39 -16.19 -6.93 9.37
N ASP A 40 -16.33 -7.28 10.65
CA ASP A 40 -16.57 -6.26 11.68
C ASP A 40 -15.28 -5.50 12.06
N LEU A 41 -14.19 -5.85 11.40
CA LEU A 41 -12.87 -5.26 11.67
CA LEU A 41 -12.90 -5.22 11.68
C LEU A 41 -12.46 -5.59 13.10
N GLY A 42 -13.03 -6.66 13.61
CA GLY A 42 -12.89 -7.03 15.00
C GLY A 42 -11.78 -8.00 15.34
N PHE A 43 -12.02 -8.80 16.37
CA PHE A 43 -10.96 -9.51 17.06
C PHE A 43 -11.32 -10.95 17.37
N VAL A 44 -10.34 -11.68 17.90
CA VAL A 44 -10.57 -12.96 18.55
C VAL A 44 -10.24 -12.76 20.02
N ASP A 45 -11.23 -12.91 20.89
CA ASP A 45 -10.97 -12.76 22.32
C ASP A 45 -10.67 -14.12 22.97
N GLY A 46 -10.53 -14.13 24.28
CA GLY A 46 -10.12 -15.32 25.00
C GLY A 46 -10.99 -16.54 24.78
N THR A 47 -12.28 -16.33 24.48
CA THR A 47 -13.17 -17.45 24.22
C THR A 47 -12.76 -18.24 22.98
N GLY A 48 -11.91 -17.64 22.14
CA GLY A 48 -11.50 -18.30 20.91
C GLY A 48 -10.05 -18.76 20.87
N TYR A 49 -9.33 -18.61 21.98
CA TYR A 49 -7.89 -18.92 22.02
C TYR A 49 -7.59 -20.39 21.73
N GLN A 50 -8.52 -21.28 22.06
CA GLN A 50 -8.31 -22.69 21.79
C GLN A 50 -9.18 -23.15 20.61
N THR A 51 -9.51 -22.20 19.74
CA THR A 51 -10.20 -22.51 18.49
C THR A 51 -9.33 -22.13 17.28
N PRO A 52 -9.68 -22.66 16.10
CA PRO A 52 -8.90 -22.31 14.90
C PRO A 52 -8.91 -20.81 14.58
N ASP A 53 -9.89 -20.06 15.07
CA ASP A 53 -9.96 -18.64 14.77
C ASP A 53 -8.72 -17.85 15.19
N ILE A 54 -8.07 -18.29 16.26
CA ILE A 54 -6.91 -17.58 16.79
C ILE A 54 -5.69 -17.65 15.86
N ILE A 55 -5.67 -18.65 14.97
CA ILE A 55 -4.49 -18.89 14.14
C ILE A 55 -4.18 -17.72 13.20
N CYS A 56 -5.12 -17.42 12.31
CA CYS A 56 -4.97 -16.33 11.35
C CYS A 56 -6.24 -15.46 11.28
N HIS A 57 -6.97 -15.43 12.39
CA HIS A 57 -8.23 -14.69 12.53
C HIS A 57 -9.42 -15.50 12.08
N ARG A 58 -10.63 -14.98 12.36
CA ARG A 58 -11.85 -15.76 12.16
C ARG A 58 -12.00 -16.25 10.72
N GLY A 59 -12.32 -17.53 10.59
CA GLY A 59 -12.56 -18.17 9.31
C GLY A 59 -11.44 -18.06 8.27
N ALA A 60 -10.20 -17.84 8.72
CA ALA A 60 -9.12 -17.53 7.78
C ALA A 60 -8.75 -18.68 6.84
N LYS A 61 -8.43 -18.32 5.60
CA LYS A 61 -7.89 -19.25 4.61
C LYS A 61 -6.62 -18.67 3.99
N PRO A 62 -5.66 -19.54 3.63
CA PRO A 62 -4.37 -19.04 3.13
C PRO A 62 -4.51 -18.12 1.93
N GLY A 63 -3.66 -17.09 1.86
CA GLY A 63 -3.53 -16.31 0.65
C GLY A 63 -3.06 -17.19 -0.50
N ALA A 64 -3.42 -16.79 -1.72
CA ALA A 64 -3.03 -17.56 -2.90
C ALA A 64 -1.57 -17.29 -3.28
N LEU A 65 -1.07 -16.11 -2.90
CA LEU A 65 0.26 -15.67 -3.32
C LEU A 65 1.27 -15.66 -2.19
N THR A 66 2.54 -15.69 -2.55
CA THR A 66 3.65 -15.65 -1.60
C THR A 66 4.68 -14.62 -2.05
N ALA A 67 5.08 -13.75 -1.13
CA ALA A 67 6.03 -12.69 -1.44
C ALA A 67 7.46 -13.06 -1.05
N PRO A 68 8.39 -13.05 -2.01
CA PRO A 68 9.77 -13.29 -1.61
C PRO A 68 10.35 -12.12 -0.80
N VAL A 69 11.21 -12.46 0.15
CA VAL A 69 11.89 -11.47 0.97
C VAL A 69 13.38 -11.68 0.89
N SER A 70 14.12 -10.60 0.64
CA SER A 70 15.58 -10.66 0.60
C SER A 70 16.11 -11.20 1.92
N PRO A 71 17.32 -11.77 1.91
CA PRO A 71 17.86 -12.30 3.17
C PRO A 71 17.95 -11.20 4.24
N GLY A 72 17.33 -11.43 5.39
CA GLY A 72 17.31 -10.45 6.46
C GLY A 72 16.53 -9.19 6.10
N GLY A 73 15.67 -9.30 5.10
CA GLY A 73 14.92 -8.15 4.62
C GLY A 73 13.78 -7.75 5.55
N THR A 74 13.24 -6.56 5.31
CA THR A 74 12.13 -6.05 6.10
C THR A 74 10.78 -6.29 5.45
N VAL A 75 9.78 -6.48 6.28
CA VAL A 75 8.40 -6.57 5.86
C VAL A 75 7.64 -5.51 6.66
N GLU A 76 7.10 -4.52 5.95
CA GLU A 76 6.37 -3.42 6.60
C GLU A 76 4.87 -3.61 6.43
N LEU A 77 4.19 -3.79 7.55
CA LEU A 77 2.75 -3.99 7.51
C LEU A 77 2.04 -2.68 7.86
N GLN A 78 1.11 -2.28 7.00
CA GLN A 78 0.42 -1.01 7.18
C GLN A 78 -1.04 -1.26 7.52
N TRP A 79 -1.43 -0.75 8.68
CA TRP A 79 -2.78 -0.93 9.19
C TRP A 79 -3.68 0.24 8.83
N THR A 80 -4.99 -0.01 8.86
CA THR A 80 -5.96 1.05 8.96
C THR A 80 -5.68 1.78 10.29
N PRO A 81 -6.15 3.01 10.45
CA PRO A 81 -5.74 3.79 11.62
C PRO A 81 -6.09 3.12 12.95
N TRP A 82 -5.09 2.92 13.81
CA TRP A 82 -5.28 2.16 15.04
C TRP A 82 -5.74 3.10 16.14
N PRO A 83 -6.77 2.69 16.92
CA PRO A 83 -7.26 3.58 17.98
C PRO A 83 -6.27 3.73 19.12
N ASP A 84 -6.02 4.97 19.53
CA ASP A 84 -5.11 5.22 20.66
C ASP A 84 -5.52 4.43 21.90
N SER A 85 -6.82 4.30 22.11
CA SER A 85 -7.31 3.62 23.32
C SER A 85 -6.95 2.14 23.37
N HIS A 86 -6.69 1.54 22.20
CA HIS A 86 -6.47 0.11 22.09
C HIS A 86 -5.02 -0.27 22.36
N HIS A 87 -4.57 0.04 23.57
CA HIS A 87 -3.18 -0.18 23.96
C HIS A 87 -2.84 -1.65 24.09
N GLY A 88 -1.67 -2.04 23.59
CA GLY A 88 -1.20 -3.37 23.85
C GLY A 88 0.02 -3.74 23.04
N PRO A 89 0.48 -4.99 23.20
CA PRO A 89 1.70 -5.46 22.52
C PRO A 89 1.49 -5.69 21.01
N VAL A 90 2.59 -5.67 20.28
CA VAL A 90 2.60 -6.08 18.87
C VAL A 90 3.58 -7.24 18.78
N ILE A 91 3.13 -8.36 18.23
CA ILE A 91 3.89 -9.59 18.29
C ILE A 91 3.95 -10.24 16.90
N ASN A 92 5.09 -10.86 16.59
CA ASN A 92 5.29 -11.43 15.27
C ASN A 92 5.81 -12.86 15.33
N TYR A 93 5.21 -13.74 14.54
CA TYR A 93 5.57 -15.16 14.51
C TYR A 93 5.76 -15.62 13.07
N LEU A 94 6.60 -16.64 12.88
CA LEU A 94 6.68 -17.35 11.61
C LEU A 94 6.33 -18.81 11.84
N ALA A 95 5.67 -19.43 10.86
CA ALA A 95 5.48 -20.87 10.86
C ALA A 95 5.85 -21.42 9.49
N PRO A 96 6.66 -22.50 9.45
CA PRO A 96 7.03 -23.04 8.13
C PRO A 96 5.84 -23.68 7.43
N CYS A 97 5.73 -23.49 6.12
CA CYS A 97 4.66 -24.12 5.34
C CYS A 97 5.04 -25.49 4.83
N ASN A 98 6.34 -25.78 4.79
CA ASN A 98 6.83 -27.06 4.32
C ASN A 98 6.18 -27.43 3.00
N GLY A 99 6.17 -26.47 2.09
CA GLY A 99 5.46 -26.58 0.82
C GLY A 99 4.86 -25.23 0.45
N ASP A 100 3.85 -25.24 -0.41
CA ASP A 100 3.14 -24.03 -0.80
C ASP A 100 2.28 -23.53 0.36
N CYS A 101 2.49 -22.28 0.79
CA CYS A 101 1.69 -21.74 1.89
C CYS A 101 0.22 -21.69 1.53
N SER A 102 -0.09 -21.62 0.24
CA SER A 102 -1.47 -21.46 -0.18
C SER A 102 -2.32 -22.70 0.08
N THR A 103 -1.67 -23.84 0.34
CA THR A 103 -2.41 -25.08 0.57
C THR A 103 -2.20 -25.67 1.96
N VAL A 104 -1.69 -24.87 2.89
CA VAL A 104 -1.43 -25.41 4.22
C VAL A 104 -2.71 -25.65 5.00
N ASP A 105 -2.65 -26.59 5.95
CA ASP A 105 -3.66 -26.78 6.96
C ASP A 105 -3.29 -25.89 8.13
N LYS A 106 -4.00 -24.79 8.33
CA LYS A 106 -3.62 -23.82 9.35
C LYS A 106 -3.53 -24.41 10.75
N THR A 107 -4.31 -25.46 11.02
CA THR A 107 -4.34 -26.07 12.34
C THR A 107 -3.06 -26.85 12.66
N GLN A 108 -2.22 -27.06 11.65
CA GLN A 108 -0.96 -27.79 11.84
C GLN A 108 0.25 -26.88 11.86
N LEU A 109 0.05 -25.59 11.60
CA LEU A 109 1.15 -24.62 11.62
C LEU A 109 1.76 -24.51 13.01
N GLU A 110 3.09 -24.57 13.07
CA GLU A 110 3.82 -24.45 14.31
C GLU A 110 4.62 -23.16 14.31
N PHE A 111 4.12 -22.18 15.06
CA PHE A 111 4.65 -20.82 15.06
C PHE A 111 5.78 -20.65 16.04
N PHE A 112 6.83 -19.96 15.61
CA PHE A 112 7.82 -19.45 16.55
C PHE A 112 7.86 -17.91 16.54
N LYS A 113 8.08 -17.33 17.71
CA LYS A 113 8.04 -15.89 17.89
C LYS A 113 9.35 -15.27 17.39
N ILE A 114 9.26 -14.33 16.45
CA ILE A 114 10.47 -13.67 15.95
C ILE A 114 10.64 -12.23 16.42
N ALA A 115 9.57 -11.63 16.93
CA ALA A 115 9.65 -10.28 17.50
C ALA A 115 8.51 -10.07 18.45
N GLU A 116 8.75 -9.27 19.49
CA GLU A 116 7.70 -8.89 20.42
C GLU A 116 8.00 -7.53 21.01
N SER A 117 6.95 -6.73 21.15
CA SER A 117 7.06 -5.40 21.76
CA SER A 117 7.05 -5.41 21.76
C SER A 117 5.84 -5.21 22.64
N GLY A 118 6.04 -4.67 23.85
CA GLY A 118 4.97 -4.61 24.83
C GLY A 118 4.73 -3.24 25.42
N LEU A 119 4.96 -3.12 26.72
CA LEU A 119 4.81 -1.86 27.44
C LEU A 119 6.10 -1.05 27.30
N ILE A 120 6.00 0.11 26.65
CA ILE A 120 7.21 0.90 26.37
C ILE A 120 7.56 1.90 27.48
N ASN A 121 6.53 2.55 28.02
CA ASN A 121 6.70 3.52 29.10
C ASN A 121 5.42 3.61 29.91
N ASP A 122 5.54 3.83 31.21
CA ASP A 122 4.35 3.89 32.05
C ASP A 122 4.31 5.14 32.92
N ASP A 123 4.93 6.21 32.47
CA ASP A 123 4.94 7.47 33.24
C ASP A 123 3.51 7.91 33.52
N ASN A 124 2.64 7.69 32.54
CA ASN A 124 1.24 8.12 32.63
C ASN A 124 0.28 6.98 32.27
N PRO A 125 -0.10 6.16 33.27
CA PRO A 125 -1.04 5.06 33.00
C PRO A 125 -2.24 5.56 32.24
N PRO A 126 -2.74 4.77 31.27
CA PRO A 126 -2.34 3.39 30.99
C PRO A 126 -1.03 3.21 30.22
N GLY A 127 -0.34 4.30 29.92
CA GLY A 127 1.01 4.22 29.38
C GLY A 127 1.13 4.17 27.87
N ILE A 128 2.36 3.98 27.41
CA ILE A 128 2.67 3.93 25.98
C ILE A 128 3.12 2.51 25.64
N TRP A 129 2.47 1.93 24.64
CA TRP A 129 2.66 0.53 24.26
C TRP A 129 3.17 0.43 22.83
N ALA A 130 3.49 -0.80 22.42
CA ALA A 130 3.87 -1.09 21.05
C ALA A 130 2.84 -0.56 20.06
N SER A 131 1.55 -0.70 20.41
CA SER A 131 0.47 -0.23 19.54
C SER A 131 0.54 1.28 19.34
N ASP A 132 0.98 1.99 20.37
CA ASP A 132 1.18 3.43 20.26
C ASP A 132 2.39 3.78 19.39
N ASN A 133 3.46 2.99 19.48
CA ASN A 133 4.57 3.10 18.54
C ASN A 133 4.06 2.93 17.10
N LEU A 134 3.18 1.95 16.92
CA LEU A 134 2.59 1.65 15.61
C LEU A 134 1.82 2.87 15.09
N ILE A 135 1.01 3.46 15.95
CA ILE A 135 0.27 4.67 15.58
C ILE A 135 1.22 5.81 15.21
N ALA A 136 2.26 5.99 16.03
CA ALA A 136 3.23 7.07 15.83
C ALA A 136 3.98 6.94 14.50
N ALA A 137 4.14 5.70 14.05
CA ALA A 137 4.77 5.43 12.76
C ALA A 137 3.75 5.48 11.61
N ASN A 138 2.69 6.26 11.79
CA ASN A 138 1.64 6.36 10.77
C ASN A 138 0.97 5.01 10.49
N ASN A 139 0.72 4.26 11.56
CA ASN A 139 0.03 2.98 11.49
C ASN A 139 0.79 1.89 10.76
N SER A 140 2.06 1.76 11.10
CA SER A 140 2.95 0.87 10.38
C SER A 140 3.81 0.10 11.36
N TRP A 141 4.12 -1.15 11.01
CA TRP A 141 5.07 -1.96 11.78
C TRP A 141 6.09 -2.58 10.84
N THR A 142 7.36 -2.50 11.21
CA THR A 142 8.41 -3.12 10.42
C THR A 142 8.95 -4.37 11.11
N VAL A 143 8.88 -5.49 10.41
CA VAL A 143 9.39 -6.76 10.90
C VAL A 143 10.65 -7.09 10.10
N THR A 144 11.71 -7.50 10.79
CA THR A 144 12.92 -7.95 10.12
C THR A 144 12.98 -9.48 10.16
N ILE A 145 13.05 -10.11 8.99
CA ILE A 145 13.12 -11.56 8.93
C ILE A 145 14.52 -12.03 9.33
N PRO A 146 14.60 -12.99 10.27
CA PRO A 146 15.92 -13.45 10.71
C PRO A 146 16.75 -14.07 9.58
N THR A 147 18.06 -13.88 9.62
CA THR A 147 18.94 -14.49 8.64
C THR A 147 19.40 -15.89 9.07
N THR A 148 19.02 -16.30 10.27
CA THR A 148 19.54 -17.54 10.87
C THR A 148 18.60 -18.74 10.74
N ILE A 149 17.43 -18.52 10.13
CA ILE A 149 16.46 -19.58 9.99
C ILE A 149 16.54 -20.24 8.62
N ALA A 150 16.13 -21.50 8.57
CA ALA A 150 16.10 -22.24 7.31
C ALA A 150 15.24 -21.49 6.30
N PRO A 151 15.79 -21.24 5.11
CA PRO A 151 14.96 -20.64 4.05
C PRO A 151 13.80 -21.57 3.71
N GLY A 152 12.75 -21.01 3.15
CA GLY A 152 11.58 -21.76 2.76
C GLY A 152 10.36 -20.88 2.76
N ASN A 153 9.19 -21.48 2.56
CA ASN A 153 7.95 -20.72 2.62
C ASN A 153 7.40 -20.70 4.05
N TYR A 154 6.99 -19.52 4.51
CA TYR A 154 6.53 -19.34 5.88
C TYR A 154 5.30 -18.45 5.92
N VAL A 155 4.42 -18.72 6.89
CA VAL A 155 3.36 -17.79 7.21
C VAL A 155 3.89 -16.82 8.25
N LEU A 156 3.77 -15.52 7.98
CA LEU A 156 4.01 -14.50 9.01
C LEU A 156 2.68 -14.19 9.70
N ARG A 157 2.63 -14.40 11.00
CA ARG A 157 1.45 -14.07 11.81
C ARG A 157 1.79 -12.82 12.61
N HIS A 158 1.20 -11.70 12.17
CA HIS A 158 1.48 -10.38 12.74
C HIS A 158 0.26 -9.98 13.56
N GLU A 159 0.47 -9.49 14.78
CA GLU A 159 -0.68 -9.35 15.68
C GLU A 159 -0.57 -8.19 16.66
N ILE A 160 -1.69 -7.49 16.84
CA ILE A 160 -1.82 -6.54 17.94
C ILE A 160 -2.78 -7.19 18.93
N ILE A 161 -2.48 -7.10 20.23
CA ILE A 161 -3.44 -7.48 21.25
C ILE A 161 -3.87 -6.24 22.02
N ALA A 162 -5.14 -5.85 21.88
CA ALA A 162 -5.64 -4.67 22.58
C ALA A 162 -6.08 -5.04 24.00
N LEU A 163 -5.66 -4.26 24.99
CA LEU A 163 -5.84 -4.59 26.40
C LEU A 163 -6.75 -3.61 27.16
N HIS A 164 -7.39 -2.70 26.43
CA HIS A 164 -8.20 -1.68 27.07
C HIS A 164 -9.39 -2.23 27.87
N SER A 165 -9.82 -3.45 27.52
CA SER A 165 -10.92 -4.13 28.21
C SER A 165 -10.45 -5.43 28.88
N ALA A 166 -9.13 -5.56 29.06
CA ALA A 166 -8.56 -6.83 29.49
C ALA A 166 -8.68 -7.12 30.98
N GLN A 167 -9.29 -6.21 31.73
CA GLN A 167 -9.46 -6.43 33.18
CA GLN A 167 -9.47 -6.39 33.16
C GLN A 167 -10.38 -7.57 33.50
N ASN A 168 -11.23 -7.95 32.56
CA ASN A 168 -12.15 -9.06 32.76
C ASN A 168 -11.76 -10.26 31.92
N GLN A 169 -12.11 -11.46 32.38
CA GLN A 169 -11.77 -12.66 31.64
C GLN A 169 -12.33 -12.62 30.22
N ASP A 170 -11.49 -13.02 29.27
CA ASP A 170 -11.82 -13.03 27.85
C ASP A 170 -11.98 -11.63 27.27
N GLY A 171 -11.49 -10.63 28.00
CA GLY A 171 -11.60 -9.24 27.59
C GLY A 171 -10.54 -8.72 26.63
N ALA A 172 -9.36 -9.36 26.63
CA ALA A 172 -8.32 -8.98 25.67
C ALA A 172 -8.77 -9.26 24.25
N GLN A 173 -8.35 -8.40 23.32
CA GLN A 173 -8.78 -8.50 21.92
C GLN A 173 -7.58 -8.74 21.01
N ASN A 174 -7.51 -9.93 20.42
CA ASN A 174 -6.40 -10.28 19.53
C ASN A 174 -6.73 -9.97 18.08
N TYR A 175 -5.79 -9.33 17.40
CA TYR A 175 -5.96 -8.98 15.99
C TYR A 175 -4.83 -9.57 15.16
N PRO A 176 -4.89 -10.89 14.89
CA PRO A 176 -3.87 -11.53 14.05
C PRO A 176 -4.15 -11.29 12.56
N GLN A 177 -3.08 -11.06 11.80
CA GLN A 177 -3.15 -10.90 10.35
C GLN A 177 -2.02 -11.72 9.77
N CYS A 178 -2.35 -12.65 8.87
CA CYS A 178 -1.36 -13.53 8.30
C CYS A 178 -1.05 -13.21 6.84
N ILE A 179 0.22 -13.34 6.47
CA ILE A 179 0.63 -13.24 5.08
C ILE A 179 1.63 -14.34 4.75
N ASN A 180 1.79 -14.62 3.46
CA ASN A 180 2.70 -15.67 3.00
C ASN A 180 4.01 -15.09 2.51
N LEU A 181 5.12 -15.62 3.01
CA LEU A 181 6.44 -15.15 2.62
C LEU A 181 7.32 -16.28 2.14
N GLN A 182 8.20 -15.96 1.19
CA GLN A 182 9.31 -16.86 0.88
C GLN A 182 10.58 -16.29 1.51
N VAL A 183 11.07 -16.97 2.54
CA VAL A 183 12.29 -16.58 3.23
C VAL A 183 13.50 -17.12 2.47
N THR A 184 14.51 -16.28 2.29
CA THR A 184 15.68 -16.65 1.50
C THR A 184 16.98 -16.46 2.28
N GLY A 185 18.05 -17.08 1.81
CA GLY A 185 19.37 -16.90 2.40
C GLY A 185 20.03 -18.20 2.83
N GLY A 186 20.90 -18.13 3.83
CA GLY A 186 21.74 -19.26 4.18
C GLY A 186 21.57 -19.79 5.59
N GLY A 187 20.46 -19.42 6.24
CA GLY A 187 20.19 -19.87 7.60
C GLY A 187 19.89 -21.36 7.68
N SER A 188 19.95 -21.91 8.89
CA SER A 188 19.75 -23.34 9.08
C SER A 188 18.84 -23.70 10.28
N ASP A 189 18.50 -22.72 11.11
CA ASP A 189 17.70 -23.03 12.29
C ASP A 189 16.27 -23.38 11.91
N ASN A 190 15.74 -24.41 12.58
CA ASN A 190 14.31 -24.70 12.57
C ASN A 190 13.77 -24.56 13.99
N PRO A 191 13.46 -23.34 14.41
CA PRO A 191 13.12 -23.11 15.83
C PRO A 191 11.89 -23.89 16.25
N ALA A 192 11.85 -24.30 17.52
CA ALA A 192 10.70 -25.02 18.05
C ALA A 192 9.44 -24.17 17.98
N GLY A 193 8.39 -24.72 17.39
CA GLY A 193 7.15 -23.98 17.20
C GLY A 193 6.06 -24.35 18.16
N THR A 194 4.97 -23.59 18.09
CA THR A 194 3.82 -23.72 18.96
C THR A 194 2.57 -23.64 18.09
N LEU A 195 1.63 -24.57 18.28
CA LEU A 195 0.37 -24.52 17.56
C LEU A 195 -0.36 -23.21 17.87
N GLY A 196 -1.04 -22.65 16.88
CA GLY A 196 -1.81 -21.44 17.09
C GLY A 196 -2.70 -21.52 18.31
N THR A 197 -3.37 -22.66 18.49
CA THR A 197 -4.31 -22.83 19.60
C THR A 197 -3.60 -23.05 20.94
N ALA A 198 -2.27 -23.05 20.93
CA ALA A 198 -1.51 -23.16 22.16
C ALA A 198 -0.71 -21.90 22.48
N LEU A 199 -0.86 -20.86 21.67
CA LEU A 199 -0.13 -19.61 21.92
C LEU A 199 -0.56 -18.90 23.21
N TYR A 200 -1.87 -18.80 23.43
CA TYR A 200 -2.41 -17.97 24.51
C TYR A 200 -3.47 -18.64 25.33
N HIS A 201 -3.56 -18.24 26.60
CA HIS A 201 -4.67 -18.59 27.45
C HIS A 201 -5.27 -17.37 28.11
N ASP A 202 -6.56 -17.45 28.40
CA ASP A 202 -7.28 -16.27 28.85
C ASP A 202 -6.94 -15.83 30.27
N THR A 203 -6.04 -16.55 30.93
CA THR A 203 -5.57 -16.12 32.25
C THR A 203 -4.07 -15.80 32.27
N ASP A 204 -3.44 -15.74 31.10
CA ASP A 204 -2.04 -15.32 31.04
C ASP A 204 -1.87 -13.95 31.69
N PRO A 205 -0.71 -13.71 32.33
CA PRO A 205 -0.49 -12.46 33.08
C PRO A 205 -0.46 -11.20 32.18
N GLY A 206 -0.23 -11.38 30.89
CA GLY A 206 -0.24 -10.25 29.98
C GLY A 206 -1.55 -10.17 29.20
N ILE A 207 -2.48 -11.06 29.52
CA ILE A 207 -3.78 -11.14 28.86
C ILE A 207 -4.90 -10.70 29.80
N LEU A 208 -4.91 -11.26 31.00
CA LEU A 208 -5.84 -10.87 32.05
C LEU A 208 -5.12 -9.84 32.92
N ILE A 209 -5.40 -8.57 32.68
CA ILE A 209 -4.58 -7.50 33.23
C ILE A 209 -5.33 -6.18 33.23
N ASN A 210 -5.08 -5.38 34.27
CA ASN A 210 -5.62 -4.03 34.36
C ASN A 210 -4.55 -3.01 34.00
N ILE A 211 -4.61 -2.48 32.78
CA ILE A 211 -3.54 -1.58 32.32
C ILE A 211 -3.69 -0.16 32.85
N TYR A 212 -4.79 0.12 33.55
CA TYR A 212 -5.05 1.48 34.03
C TYR A 212 -4.34 1.77 35.34
N GLN A 213 -3.85 0.73 36.00
CA GLN A 213 -3.07 0.87 37.21
C GLN A 213 -1.59 1.03 36.83
N LYS A 214 -0.79 1.42 37.81
CA LYS A 214 0.65 1.53 37.59
CA LYS A 214 0.65 1.53 37.61
C LYS A 214 1.23 0.14 37.38
N LEU A 215 1.97 -0.03 36.29
CA LEU A 215 2.60 -1.31 35.98
C LEU A 215 4.11 -1.17 36.04
N SER A 216 4.75 -2.01 36.86
CA SER A 216 6.20 -2.00 36.96
C SER A 216 6.83 -2.85 35.86
N SER A 217 6.03 -3.75 35.29
CA SER A 217 6.46 -4.56 34.17
C SER A 217 5.26 -5.15 33.45
N TYR A 218 5.53 -5.76 32.30
CA TYR A 218 4.50 -6.40 31.50
C TYR A 218 5.09 -7.64 30.84
N ILE A 219 4.46 -8.78 31.08
CA ILE A 219 4.86 -10.06 30.48
C ILE A 219 4.15 -10.26 29.15
N ILE A 220 4.88 -10.05 28.06
CA ILE A 220 4.28 -10.22 26.74
C ILE A 220 3.88 -11.68 26.59
N PRO A 221 2.61 -11.92 26.20
CA PRO A 221 2.16 -13.32 26.13
C PRO A 221 2.74 -14.09 24.94
N GLY A 222 2.51 -15.40 24.96
CA GLY A 222 2.96 -16.28 23.90
C GLY A 222 4.27 -16.95 24.27
N PRO A 223 4.73 -17.86 23.42
CA PRO A 223 5.96 -18.64 23.67
C PRO A 223 7.21 -17.75 23.59
N PRO A 224 8.36 -18.27 24.05
CA PRO A 224 9.58 -17.47 24.12
C PRO A 224 10.05 -16.97 22.77
N LEU A 225 10.57 -15.74 22.75
CA LEU A 225 11.20 -15.16 21.58
C LEU A 225 12.38 -16.01 21.08
N TYR A 226 12.40 -16.27 19.78
CA TYR A 226 13.54 -16.94 19.15
C TYR A 226 14.66 -15.93 18.93
N THR A 227 15.87 -16.30 19.33
CA THR A 227 17.02 -15.42 19.18
C THR A 227 18.28 -15.69 18.38
N GLY B 2 -9.02 18.82 -14.77
CA GLY B 2 -8.17 19.08 -15.91
C GLY B 2 -7.69 17.77 -16.48
N PHE B 3 -6.98 17.83 -17.59
CA PHE B 3 -6.40 16.64 -18.22
C PHE B 3 -5.18 17.07 -19.03
N VAL B 4 -4.40 16.09 -19.47
CA VAL B 4 -3.23 16.36 -20.31
C VAL B 4 -3.66 16.47 -21.77
N GLN B 5 -3.43 17.64 -22.38
CA GLN B 5 -3.89 17.90 -23.73
C GLN B 5 -2.81 17.73 -24.80
N ASN B 6 -1.54 17.74 -24.38
CA ASN B 6 -0.44 17.61 -25.33
C ASN B 6 0.80 17.09 -24.62
N ILE B 7 1.63 16.35 -25.34
CA ILE B 7 2.90 15.85 -24.80
C ILE B 7 4.01 16.22 -25.77
N VAL B 8 5.09 16.81 -25.24
CA VAL B 8 6.24 17.16 -26.09
C VAL B 8 7.44 16.30 -25.71
N ILE B 9 8.00 15.61 -26.70
CA ILE B 9 9.14 14.73 -26.46
C ILE B 9 10.15 14.97 -27.58
N ASP B 10 11.38 15.28 -27.21
CA ASP B 10 12.44 15.53 -28.19
C ASP B 10 11.99 16.54 -29.24
N GLY B 11 11.27 17.56 -28.77
CA GLY B 11 10.83 18.66 -29.61
C GLY B 11 9.62 18.39 -30.47
N LYS B 12 9.07 17.18 -30.38
CA LYS B 12 7.93 16.80 -31.20
CA LYS B 12 7.93 16.80 -31.20
C LYS B 12 6.63 16.73 -30.39
N ASN B 13 5.54 17.19 -31.00
CA ASN B 13 4.23 17.14 -30.38
C ASN B 13 3.55 15.79 -30.55
N TYR B 14 2.99 15.29 -29.45
CA TYR B 14 2.11 14.14 -29.47
C TYR B 14 0.83 14.57 -28.78
N GLY B 15 -0.24 14.73 -29.56
CA GLY B 15 -1.52 15.13 -29.01
C GLY B 15 -2.01 14.24 -27.88
N GLY B 16 -2.62 14.85 -26.87
CA GLY B 16 -3.16 14.07 -25.76
C GLY B 16 -4.52 13.46 -26.08
N TYR B 17 -5.05 12.69 -25.14
CA TYR B 17 -6.42 12.21 -25.29
C TYR B 17 -7.35 13.35 -24.87
N LEU B 18 -7.99 13.96 -25.86
CA LEU B 18 -8.82 15.13 -25.62
C LEU B 18 -10.17 14.69 -25.08
N VAL B 19 -10.23 14.54 -23.77
CA VAL B 19 -11.34 13.88 -23.11
C VAL B 19 -12.63 14.70 -23.20
N ASN B 20 -12.51 15.98 -23.57
CA ASN B 20 -13.69 16.82 -23.78
C ASN B 20 -14.14 16.88 -25.24
N GLN B 21 -13.61 15.97 -26.05
CA GLN B 21 -13.88 16.00 -27.48
C GLN B 21 -13.96 14.60 -28.09
N TYR B 22 -12.88 13.82 -27.93
CA TYR B 22 -12.81 12.50 -28.55
C TYR B 22 -13.93 11.53 -28.14
N PRO B 23 -14.33 11.54 -26.86
CA PRO B 23 -15.43 10.63 -26.47
C PRO B 23 -16.75 10.94 -27.18
N TYR B 24 -16.87 12.13 -27.77
CA TYR B 24 -18.12 12.54 -28.40
C TYR B 24 -18.12 12.35 -29.91
N MET B 25 -17.04 11.85 -30.48
N MET B 25 -16.98 12.01 -30.48
CA MET B 25 -16.99 11.68 -31.94
CA MET B 25 -16.84 12.14 -31.93
C MET B 25 -16.87 10.25 -32.47
C MET B 25 -16.88 10.84 -32.69
N SER B 26 -16.81 9.26 -31.58
N SER B 26 -17.32 10.94 -33.94
CA SER B 26 -16.94 7.84 -31.93
CA SER B 26 -17.31 9.84 -34.87
C SER B 26 -16.06 7.35 -33.08
C SER B 26 -15.88 9.29 -34.98
N ASN B 27 -15.35 8.27 -33.72
N ASN B 27 -15.66 8.13 -34.37
CA ASN B 27 -14.32 7.93 -34.68
CA ASN B 27 -14.34 7.53 -34.30
C ASN B 27 -13.11 8.82 -34.45
C ASN B 27 -13.17 8.52 -34.37
N PRO B 28 -12.63 8.88 -33.19
CA PRO B 28 -11.56 9.82 -32.89
C PRO B 28 -10.19 9.33 -33.33
N PRO B 29 -9.18 10.22 -33.33
CA PRO B 29 -7.83 9.92 -33.83
C PRO B 29 -7.04 9.01 -32.90
N GLU B 30 -6.03 8.34 -33.44
CA GLU B 30 -5.11 7.56 -32.63
C GLU B 30 -4.08 8.48 -31.98
N VAL B 31 -3.80 8.23 -30.70
CA VAL B 31 -2.82 9.02 -29.95
C VAL B 31 -1.98 8.12 -29.04
N ILE B 32 -0.93 8.67 -28.46
CA ILE B 32 -0.12 7.90 -27.51
C ILE B 32 -0.78 7.84 -26.13
N ALA B 33 -1.77 8.70 -25.93
CA ALA B 33 -2.45 8.82 -24.64
C ALA B 33 -3.59 7.83 -24.53
N TRP B 34 -3.80 7.31 -23.33
CA TRP B 34 -4.90 6.39 -23.11
C TRP B 34 -6.23 7.13 -23.20
N SER B 35 -7.25 6.45 -23.71
CA SER B 35 -8.59 7.00 -23.69
C SER B 35 -9.11 6.83 -22.28
N THR B 36 -10.01 7.70 -21.85
CA THR B 36 -10.71 7.52 -20.57
C THR B 36 -12.16 7.92 -20.75
N THR B 37 -12.98 7.64 -19.74
CA THR B 37 -14.37 8.11 -19.74
C THR B 37 -14.57 9.28 -18.77
N ALA B 38 -13.47 9.89 -18.34
CA ALA B 38 -13.52 10.98 -17.37
C ALA B 38 -13.87 12.31 -18.06
N THR B 39 -15.00 12.32 -18.74
CA THR B 39 -15.43 13.50 -19.49
C THR B 39 -15.84 14.67 -18.58
N ASP B 40 -16.00 14.42 -17.29
CA ASP B 40 -16.24 15.48 -16.33
C ASP B 40 -14.94 16.23 -15.97
N LEU B 41 -13.84 15.82 -16.59
CA LEU B 41 -12.50 16.32 -16.28
CA LEU B 41 -12.53 16.37 -16.26
C LEU B 41 -12.15 16.08 -14.80
N GLY B 42 -12.78 15.07 -14.22
CA GLY B 42 -12.64 14.78 -12.81
C GLY B 42 -11.58 13.77 -12.42
N PHE B 43 -11.87 13.04 -11.35
CA PHE B 43 -10.85 12.30 -10.62
C PHE B 43 -11.28 10.89 -10.27
N VAL B 44 -10.35 10.13 -9.70
CA VAL B 44 -10.65 8.90 -9.02
C VAL B 44 -10.35 9.15 -7.55
N ASP B 45 -11.36 9.08 -6.69
CA ASP B 45 -11.13 9.29 -5.26
C ASP B 45 -10.89 7.97 -4.53
N GLY B 46 -10.79 8.01 -3.21
CA GLY B 46 -10.42 6.84 -2.44
C GLY B 46 -11.34 5.65 -2.60
N THR B 47 -12.60 5.91 -2.95
CA THR B 47 -13.53 4.81 -3.17
C THR B 47 -13.13 3.96 -4.37
N GLY B 48 -12.24 4.48 -5.20
CA GLY B 48 -11.86 3.78 -6.42
C GLY B 48 -10.43 3.26 -6.43
N TYR B 49 -9.73 3.37 -5.30
CA TYR B 49 -8.32 3.01 -5.25
C TYR B 49 -8.05 1.52 -5.49
N GLN B 50 -9.04 0.68 -5.24
CA GLN B 50 -8.89 -0.76 -5.49
C GLN B 50 -9.76 -1.23 -6.66
N THR B 51 -10.11 -0.30 -7.52
CA THR B 51 -10.84 -0.62 -8.75
C THR B 51 -9.91 -0.34 -9.92
N PRO B 52 -10.24 -0.89 -11.10
CA PRO B 52 -9.36 -0.66 -12.27
C PRO B 52 -9.24 0.81 -12.65
N ASP B 53 -10.19 1.64 -12.23
CA ASP B 53 -10.15 3.06 -12.54
C ASP B 53 -8.89 3.79 -12.07
N ILE B 54 -8.27 3.33 -10.99
CA ILE B 54 -7.11 4.04 -10.45
C ILE B 54 -5.89 3.90 -11.35
N ILE B 55 -5.89 2.87 -12.20
CA ILE B 55 -4.69 2.54 -12.98
C ILE B 55 -4.34 3.64 -13.97
N CYS B 56 -5.28 3.95 -14.87
CA CYS B 56 -5.07 4.98 -15.88
C CYS B 56 -6.28 5.91 -16.03
N HIS B 57 -7.05 6.02 -14.94
CA HIS B 57 -8.29 6.82 -14.86
C HIS B 57 -9.52 6.01 -15.29
N ARG B 58 -10.69 6.58 -15.08
CA ARG B 58 -11.96 5.86 -15.30
C ARG B 58 -12.09 5.28 -16.69
N GLY B 59 -12.46 4.00 -16.76
CA GLY B 59 -12.70 3.30 -18.01
C GLY B 59 -11.57 3.35 -19.02
N ALA B 60 -10.34 3.51 -18.54
CA ALA B 60 -9.22 3.76 -19.46
C ALA B 60 -8.86 2.56 -20.34
N LYS B 61 -8.51 2.87 -21.58
CA LYS B 61 -7.99 1.85 -22.50
C LYS B 61 -6.70 2.37 -23.12
N PRO B 62 -5.76 1.47 -23.44
CA PRO B 62 -4.46 1.91 -23.96
C PRO B 62 -4.57 2.75 -25.24
N GLY B 63 -3.70 3.75 -25.34
CA GLY B 63 -3.53 4.47 -26.60
C GLY B 63 -3.07 3.53 -27.68
N ALA B 64 -3.36 3.86 -28.93
CA ALA B 64 -2.99 3.02 -30.07
C ALA B 64 -1.52 3.22 -30.41
N LEU B 65 -1.00 4.40 -30.10
CA LEU B 65 0.35 4.77 -30.50
C LEU B 65 1.33 4.78 -29.34
N THR B 66 2.61 4.74 -29.67
CA THR B 66 3.68 4.77 -28.68
C THR B 66 4.73 5.78 -29.14
N ALA B 67 5.15 6.66 -28.23
CA ALA B 67 6.13 7.69 -28.57
C ALA B 67 7.53 7.29 -28.13
N PRO B 68 8.49 7.35 -29.04
CA PRO B 68 9.86 7.04 -28.63
C PRO B 68 10.43 8.17 -27.80
N VAL B 69 11.30 7.84 -26.84
CA VAL B 69 11.94 8.84 -26.03
C VAL B 69 13.44 8.62 -26.09
N SER B 70 14.17 9.64 -26.53
CA SER B 70 15.63 9.53 -26.60
C SER B 70 16.14 8.98 -25.27
N PRO B 71 17.34 8.36 -25.29
CA PRO B 71 17.90 7.82 -24.05
C PRO B 71 18.04 8.90 -22.99
N GLY B 72 17.45 8.69 -21.82
CA GLY B 72 17.47 9.69 -20.76
C GLY B 72 16.74 10.99 -21.09
N GLY B 73 15.86 10.94 -22.07
CA GLY B 73 15.16 12.13 -22.51
C GLY B 73 14.10 12.61 -21.55
N THR B 74 13.57 13.80 -21.80
CA THR B 74 12.48 14.35 -21.01
C THR B 74 11.15 14.23 -21.74
N VAL B 75 10.09 14.09 -20.96
CA VAL B 75 8.72 14.06 -21.46
C VAL B 75 8.00 15.23 -20.80
N GLU B 76 7.48 16.15 -21.61
CA GLU B 76 6.77 17.29 -21.07
C GLU B 76 5.28 17.10 -21.27
N LEU B 77 4.56 17.02 -20.17
CA LEU B 77 3.11 16.84 -20.21
C LEU B 77 2.43 18.18 -20.00
N GLN B 78 1.63 18.60 -20.97
CA GLN B 78 0.98 19.90 -20.91
C GLN B 78 -0.47 19.75 -20.52
N TRP B 79 -0.81 20.26 -19.35
CA TRP B 79 -2.16 20.18 -18.82
C TRP B 79 -2.99 21.39 -19.22
N THR B 80 -4.30 21.21 -19.20
CA THR B 80 -5.21 22.36 -19.19
CA THR B 80 -5.22 22.34 -19.19
C THR B 80 -4.95 23.08 -17.87
N PRO B 81 -5.38 24.35 -17.75
CA PRO B 81 -4.92 25.10 -16.57
C PRO B 81 -5.35 24.48 -15.23
N TRP B 82 -4.38 24.28 -14.35
CA TRP B 82 -4.64 23.60 -13.09
C TRP B 82 -5.07 24.63 -12.05
N PRO B 83 -6.14 24.34 -11.29
CA PRO B 83 -6.61 25.32 -10.30
C PRO B 83 -5.60 25.54 -9.17
N ASP B 84 -5.36 26.80 -8.82
CA ASP B 84 -4.48 27.10 -7.69
C ASP B 84 -4.93 26.37 -6.43
N SER B 85 -6.24 26.24 -6.27
CA SER B 85 -6.81 25.65 -5.06
C SER B 85 -6.50 24.17 -4.89
N HIS B 86 -6.25 23.48 -6.00
CA HIS B 86 -6.12 22.03 -6.01
C HIS B 86 -4.69 21.58 -5.66
N HIS B 87 -4.23 21.95 -4.48
CA HIS B 87 -2.86 21.68 -4.06
C HIS B 87 -2.61 20.20 -3.86
N GLY B 88 -1.45 19.72 -4.32
CA GLY B 88 -1.06 18.36 -4.03
C GLY B 88 0.19 17.92 -4.76
N PRO B 89 0.59 16.66 -4.52
CA PRO B 89 1.82 16.12 -5.13
C PRO B 89 1.63 15.82 -6.61
N VAL B 90 2.75 15.77 -7.33
CA VAL B 90 2.77 15.27 -8.71
C VAL B 90 3.70 14.06 -8.70
N ILE B 91 3.20 12.94 -9.22
CA ILE B 91 3.88 11.64 -9.10
C ILE B 91 3.95 10.96 -10.45
N ASN B 92 5.07 10.29 -10.73
CA ASN B 92 5.26 9.64 -12.03
C ASN B 92 5.73 8.21 -11.87
N TYR B 93 5.13 7.31 -12.65
CA TYR B 93 5.43 5.88 -12.60
C TYR B 93 5.63 5.34 -14.01
N LEU B 94 6.42 4.29 -14.13
CA LEU B 94 6.50 3.52 -15.37
C LEU B 94 6.08 2.08 -15.08
N ALA B 95 5.44 1.44 -16.05
CA ALA B 95 5.18 -0.01 -15.97
C ALA B 95 5.53 -0.61 -17.31
N PRO B 96 6.27 -1.72 -17.31
CA PRO B 96 6.65 -2.33 -18.59
C PRO B 96 5.46 -2.98 -19.30
N CYS B 97 5.41 -2.85 -20.62
CA CYS B 97 4.36 -3.46 -21.41
C CYS B 97 4.75 -4.86 -21.87
N ASN B 98 6.05 -5.13 -21.90
CA ASN B 98 6.55 -6.44 -22.32
C ASN B 98 5.94 -6.83 -23.66
N GLY B 99 5.95 -5.88 -24.61
CA GLY B 99 5.28 -6.03 -25.88
C GLY B 99 4.66 -4.69 -26.27
N ASP B 100 3.64 -4.71 -27.11
CA ASP B 100 2.95 -3.50 -27.57
C ASP B 100 2.08 -2.95 -26.46
N CYS B 101 2.32 -1.70 -26.06
CA CYS B 101 1.51 -1.12 -25.00
C CYS B 101 0.04 -1.05 -25.38
N SER B 102 -0.23 -0.97 -26.69
CA SER B 102 -1.59 -0.78 -27.17
C SER B 102 -2.51 -1.97 -26.85
N THR B 103 -1.91 -3.12 -26.53
CA THR B 103 -2.69 -4.32 -26.25
C THR B 103 -2.52 -4.84 -24.83
N VAL B 104 -1.90 -4.06 -23.95
CA VAL B 104 -1.67 -4.53 -22.60
C VAL B 104 -2.98 -4.69 -21.81
N ASP B 105 -2.96 -5.62 -20.85
CA ASP B 105 -4.01 -5.76 -19.86
C ASP B 105 -3.66 -4.85 -18.69
N LYS B 106 -4.32 -3.71 -18.60
CA LYS B 106 -3.95 -2.71 -17.59
C LYS B 106 -3.98 -3.26 -16.15
N THR B 107 -4.80 -4.27 -15.90
CA THR B 107 -4.94 -4.80 -14.55
C THR B 107 -3.72 -5.61 -14.11
N GLN B 108 -2.81 -5.85 -15.05
CA GLN B 108 -1.60 -6.61 -14.76
C GLN B 108 -0.35 -5.74 -14.75
N LEU B 109 -0.49 -4.46 -15.09
CA LEU B 109 0.63 -3.54 -15.09
C LEU B 109 1.21 -3.39 -13.68
N GLU B 110 2.53 -3.44 -13.60
CA GLU B 110 3.19 -3.24 -12.31
C GLU B 110 4.12 -2.03 -12.37
N PHE B 111 3.73 -0.99 -11.64
CA PHE B 111 4.36 0.31 -11.75
C PHE B 111 5.50 0.49 -10.78
N PHE B 112 6.58 1.11 -11.26
CA PHE B 112 7.60 1.62 -10.36
C PHE B 112 7.68 3.15 -10.43
N LYS B 113 7.78 3.77 -9.26
CA LYS B 113 7.81 5.22 -9.16
C LYS B 113 9.14 5.77 -9.66
N ILE B 114 9.11 6.66 -10.64
CA ILE B 114 10.35 7.24 -11.16
C ILE B 114 10.58 8.69 -10.72
N ALA B 115 9.54 9.35 -10.22
CA ALA B 115 9.67 10.70 -9.72
C ALA B 115 8.50 11.02 -8.81
N GLU B 116 8.75 11.87 -7.82
CA GLU B 116 7.69 12.33 -6.93
C GLU B 116 8.03 13.71 -6.42
N SER B 117 7.02 14.56 -6.32
CA SER B 117 7.19 15.89 -5.78
C SER B 117 5.96 16.19 -4.92
N GLY B 118 6.18 16.80 -3.75
CA GLY B 118 5.12 16.95 -2.78
C GLY B 118 4.91 18.37 -2.28
N LEU B 119 5.08 18.55 -0.98
CA LEU B 119 4.98 19.86 -0.36
C LEU B 119 6.30 20.60 -0.52
N ILE B 120 6.27 21.74 -1.18
CA ILE B 120 7.50 22.48 -1.44
C ILE B 120 7.83 23.51 -0.36
N ASN B 121 6.82 24.22 0.12
CA ASN B 121 6.99 25.24 1.14
C ASN B 121 5.69 25.43 1.91
N ASP B 122 5.81 25.69 3.21
CA ASP B 122 4.60 25.81 4.02
C ASP B 122 4.56 27.08 4.85
N ASP B 123 5.26 28.12 4.40
CA ASP B 123 5.28 29.40 5.10
C ASP B 123 3.86 29.90 5.38
N ASN B 124 2.99 29.69 4.41
CA ASN B 124 1.62 30.20 4.44
C ASN B 124 0.63 29.11 4.07
N PRO B 125 0.23 28.29 5.06
CA PRO B 125 -0.73 27.20 4.81
C PRO B 125 -1.92 27.72 4.01
N PRO B 126 -2.40 26.92 3.04
CA PRO B 126 -2.03 25.53 2.77
C PRO B 126 -0.70 25.32 2.06
N GLY B 127 0.03 26.39 1.76
CA GLY B 127 1.38 26.26 1.23
C GLY B 127 1.52 26.08 -0.28
N ILE B 128 2.75 25.78 -0.68
CA ILE B 128 3.10 25.63 -2.09
C ILE B 128 3.49 24.17 -2.35
N TRP B 129 2.85 23.57 -3.35
CA TRP B 129 2.99 22.15 -3.65
C TRP B 129 3.51 21.93 -5.08
N ALA B 130 3.84 20.69 -5.41
CA ALA B 130 4.23 20.33 -6.78
C ALA B 130 3.20 20.84 -7.78
N SER B 131 1.92 20.73 -7.44
CA SER B 131 0.87 21.20 -8.34
C SER B 131 1.01 22.69 -8.64
N ASP B 132 1.45 23.46 -7.65
CA ASP B 132 1.73 24.89 -7.87
C ASP B 132 2.96 25.13 -8.74
N ASN B 133 3.98 24.27 -8.59
CA ASN B 133 5.14 24.31 -9.50
C ASN B 133 4.66 24.05 -10.93
N LEU B 134 3.75 23.09 -11.08
CA LEU B 134 3.19 22.76 -12.38
C LEU B 134 2.48 23.97 -12.98
N ILE B 135 1.59 24.59 -12.20
CA ILE B 135 0.93 25.81 -12.65
C ILE B 135 1.92 26.87 -13.12
N ALA B 136 2.96 27.12 -12.31
CA ALA B 136 3.94 28.16 -12.61
C ALA B 136 4.72 27.90 -13.90
N ALA B 137 4.88 26.63 -14.26
CA ALA B 137 5.57 26.26 -15.49
C ALA B 137 4.61 26.09 -16.66
N ASN B 138 3.74 27.08 -16.87
CA ASN B 138 2.83 27.04 -18.00
C ASN B 138 1.94 25.79 -17.91
N ASN B 139 1.52 25.43 -16.69
CA ASN B 139 0.68 24.26 -16.48
C ASN B 139 1.26 23.00 -17.13
N SER B 140 2.54 22.77 -16.90
CA SER B 140 3.17 21.60 -17.49
C SER B 140 4.10 20.92 -16.48
N TRP B 141 4.44 19.67 -16.78
CA TRP B 141 5.37 18.92 -15.95
C TRP B 141 6.38 18.25 -16.84
N THR B 142 7.63 18.25 -16.41
CA THR B 142 8.69 17.61 -17.17
C THR B 142 9.24 16.43 -16.38
N VAL B 143 9.13 15.24 -16.96
CA VAL B 143 9.64 14.03 -16.33
CA VAL B 143 9.56 14.00 -16.39
C VAL B 143 10.86 13.54 -17.08
N THR B 144 11.89 13.13 -16.34
CA THR B 144 13.07 12.56 -16.95
C THR B 144 13.02 11.02 -16.89
N ILE B 145 13.18 10.38 -18.04
CA ILE B 145 13.17 8.93 -18.11
C ILE B 145 14.55 8.42 -17.70
N PRO B 146 14.59 7.53 -16.69
CA PRO B 146 15.88 7.00 -16.21
C PRO B 146 16.71 6.38 -17.33
N THR B 147 18.02 6.50 -17.23
CA THR B 147 18.91 5.88 -18.22
C THR B 147 19.26 4.46 -17.81
N THR B 148 18.84 4.08 -16.60
CA THR B 148 19.27 2.83 -15.99
C THR B 148 18.28 1.68 -16.15
N ILE B 149 17.15 1.92 -16.80
CA ILE B 149 16.15 0.86 -16.98
C ILE B 149 16.27 0.20 -18.35
N ALA B 150 15.84 -1.06 -18.42
CA ALA B 150 15.85 -1.79 -19.69
C ALA B 150 15.03 -1.05 -20.74
N PRO B 151 15.59 -0.87 -21.94
CA PRO B 151 14.79 -0.28 -23.01
C PRO B 151 13.61 -1.19 -23.33
N GLY B 152 12.56 -0.61 -23.86
CA GLY B 152 11.36 -1.36 -24.19
C GLY B 152 10.15 -0.45 -24.14
N ASN B 153 8.96 -1.04 -24.26
CA ASN B 153 7.74 -0.25 -24.22
C ASN B 153 7.18 -0.19 -22.81
N TYR B 154 6.82 1.01 -22.39
CA TYR B 154 6.34 1.27 -21.04
C TYR B 154 5.14 2.20 -21.05
N VAL B 155 4.23 2.00 -20.10
CA VAL B 155 3.23 3.00 -19.78
C VAL B 155 3.80 3.99 -18.77
N LEU B 156 3.72 5.29 -19.09
CA LEU B 156 3.97 6.35 -18.11
C LEU B 156 2.64 6.72 -17.49
N ARG B 157 2.54 6.54 -16.18
CA ARG B 157 1.38 6.96 -15.40
C ARG B 157 1.76 8.25 -14.68
N HIS B 158 1.23 9.37 -15.17
CA HIS B 158 1.53 10.71 -14.66
C HIS B 158 0.33 11.19 -13.86
N GLU B 159 0.53 11.73 -12.67
CA GLU B 159 -0.61 11.94 -11.78
C GLU B 159 -0.47 13.16 -10.88
N ILE B 160 -1.55 13.95 -10.77
CA ILE B 160 -1.67 14.96 -9.73
C ILE B 160 -2.67 14.40 -8.73
N ILE B 161 -2.41 14.54 -7.44
CA ILE B 161 -3.42 14.24 -6.42
C ILE B 161 -3.80 15.55 -5.75
N ALA B 162 -5.04 16.00 -5.91
CA ALA B 162 -5.48 17.24 -5.31
C ALA B 162 -5.98 16.96 -3.89
N LEU B 163 -5.55 17.79 -2.94
CA LEU B 163 -5.80 17.52 -1.52
C LEU B 163 -6.66 18.56 -0.81
N HIS B 164 -7.28 19.45 -1.58
CA HIS B 164 -8.05 20.54 -0.99
C HIS B 164 -9.31 20.04 -0.26
N SER B 165 -9.73 18.81 -0.56
CA SER B 165 -10.87 18.20 0.12
C SER B 165 -10.49 16.90 0.84
N ALA B 166 -9.19 16.70 1.04
CA ALA B 166 -8.67 15.44 1.57
C ALA B 166 -8.80 15.27 3.08
N GLN B 167 -9.37 16.26 3.76
CA GLN B 167 -9.51 16.19 5.22
CA GLN B 167 -9.42 16.10 5.21
C GLN B 167 -10.38 15.02 5.66
N ASN B 168 -11.25 14.57 4.77
CA ASN B 168 -12.15 13.46 5.04
C ASN B 168 -11.82 12.23 4.23
N GLN B 169 -12.13 11.06 4.78
CA GLN B 169 -11.81 9.81 4.10
C GLN B 169 -12.45 9.77 2.72
N ASP B 170 -11.65 9.35 1.75
CA ASP B 170 -12.03 9.29 0.34
C ASP B 170 -12.17 10.67 -0.33
N GLY B 171 -11.65 11.71 0.32
CA GLY B 171 -11.73 13.07 -0.20
C GLY B 171 -10.61 13.49 -1.15
N ALA B 172 -9.48 12.80 -1.09
CA ALA B 172 -8.38 13.11 -2.02
C ALA B 172 -8.84 12.80 -3.45
N GLN B 173 -8.37 13.61 -4.41
CA GLN B 173 -8.77 13.44 -5.79
C GLN B 173 -7.58 13.12 -6.68
N ASN B 174 -7.54 11.90 -7.21
CA ASN B 174 -6.41 11.45 -8.04
C ASN B 174 -6.71 11.70 -9.51
N TYR B 175 -5.73 12.27 -10.21
CA TYR B 175 -5.87 12.60 -11.62
C TYR B 175 -4.77 11.91 -12.44
N PRO B 176 -4.88 10.59 -12.63
CA PRO B 176 -3.87 9.90 -13.43
C PRO B 176 -4.11 10.09 -14.93
N GLN B 177 -3.00 10.23 -15.67
CA GLN B 177 -3.04 10.32 -17.12
C GLN B 177 -1.93 9.42 -17.64
N CYS B 178 -2.28 8.46 -18.48
CA CYS B 178 -1.29 7.50 -19.00
C CYS B 178 -0.97 7.75 -20.46
N ILE B 179 0.30 7.54 -20.82
CA ILE B 179 0.73 7.57 -22.21
C ILE B 179 1.69 6.42 -22.46
N ASN B 180 1.83 6.04 -23.73
CA ASN B 180 2.71 4.95 -24.11
C ASN B 180 4.06 5.46 -24.59
N LEU B 181 5.13 4.92 -24.02
CA LEU B 181 6.48 5.33 -24.39
C LEU B 181 7.33 4.17 -24.85
N GLN B 182 8.20 4.44 -25.82
CA GLN B 182 9.26 3.51 -26.17
C GLN B 182 10.55 4.06 -25.58
N VAL B 183 11.02 3.41 -24.51
CA VAL B 183 12.25 3.81 -23.84
C VAL B 183 13.43 3.22 -24.61
N THR B 184 14.45 4.04 -24.88
CA THR B 184 15.57 3.63 -25.70
C THR B 184 16.87 3.76 -24.90
N GLY B 185 17.98 3.28 -25.46
CA GLY B 185 19.27 3.46 -24.82
C GLY B 185 19.88 2.17 -24.26
N GLY B 186 20.77 2.31 -23.29
CA GLY B 186 21.53 1.18 -22.82
C GLY B 186 21.37 0.79 -21.36
N GLY B 187 20.20 1.04 -20.79
CA GLY B 187 19.92 0.64 -19.42
C GLY B 187 19.59 -0.84 -19.33
N SER B 188 19.50 -1.37 -18.11
CA SER B 188 19.24 -2.79 -17.94
C SER B 188 18.36 -3.18 -16.75
N ASP B 189 18.00 -2.22 -15.90
CA ASP B 189 17.21 -2.52 -14.71
C ASP B 189 15.77 -2.89 -15.03
N ASN B 190 15.23 -3.85 -14.29
CA ASN B 190 13.80 -4.14 -14.30
C ASN B 190 13.28 -4.02 -12.88
N PRO B 191 13.00 -2.78 -12.46
CA PRO B 191 12.66 -2.51 -11.04
C PRO B 191 11.39 -3.21 -10.59
N ALA B 192 11.33 -3.52 -9.30
CA ALA B 192 10.14 -4.08 -8.68
C ALA B 192 8.95 -3.16 -8.88
N GLY B 193 7.83 -3.73 -9.33
CA GLY B 193 6.64 -2.95 -9.60
C GLY B 193 5.47 -3.30 -8.71
N THR B 194 4.54 -2.35 -8.64
CA THR B 194 3.37 -2.42 -7.79
C THR B 194 2.11 -2.32 -8.65
N LEU B 195 1.15 -3.21 -8.43
CA LEU B 195 -0.12 -3.12 -9.15
C LEU B 195 -0.78 -1.78 -8.90
N GLY B 196 -1.45 -1.25 -9.93
CA GLY B 196 -2.20 -0.01 -9.76
C GLY B 196 -3.10 -0.02 -8.53
N THR B 197 -3.77 -1.14 -8.29
CA THR B 197 -4.71 -1.25 -7.19
C THR B 197 -4.04 -1.42 -5.83
N ALA B 198 -2.71 -1.43 -5.81
CA ALA B 198 -1.99 -1.44 -4.54
C ALA B 198 -1.15 -0.17 -4.32
N LEU B 199 -1.29 0.82 -5.20
CA LEU B 199 -0.54 2.07 -5.05
C LEU B 199 -0.93 2.84 -3.80
N TYR B 200 -2.23 2.97 -3.57
CA TYR B 200 -2.77 3.87 -2.55
C TYR B 200 -3.86 3.22 -1.71
N HIS B 201 -3.93 3.63 -0.44
CA HIS B 201 -5.07 3.29 0.40
C HIS B 201 -5.61 4.55 1.02
N ASP B 202 -6.92 4.56 1.28
CA ASP B 202 -7.61 5.83 1.56
C ASP B 202 -7.33 6.40 2.96
N THR B 203 -6.51 5.73 3.75
CA THR B 203 -6.12 6.29 5.05
C THR B 203 -4.61 6.58 5.13
N ASP B 204 -3.92 6.50 3.99
CA ASP B 204 -2.49 6.82 3.94
C ASP B 204 -2.25 8.25 4.41
N PRO B 205 -1.09 8.51 5.04
CA PRO B 205 -0.84 9.81 5.69
C PRO B 205 -0.74 10.98 4.72
N GLY B 206 -0.46 10.71 3.45
CA GLY B 206 -0.40 11.76 2.44
C GLY B 206 -1.69 11.86 1.64
N ILE B 207 -2.67 11.05 2.03
CA ILE B 207 -3.96 10.96 1.33
C ILE B 207 -5.11 11.48 2.20
N LEU B 208 -5.19 10.97 3.43
CA LEU B 208 -6.14 11.46 4.41
C LEU B 208 -5.39 12.50 5.26
N ILE B 209 -5.60 13.78 4.93
CA ILE B 209 -4.74 14.82 5.46
C ILE B 209 -5.42 16.20 5.38
N ASN B 210 -5.17 17.04 6.37
CA ASN B 210 -5.67 18.41 6.36
C ASN B 210 -4.54 19.35 6.01
N ILE B 211 -4.53 19.85 4.77
CA ILE B 211 -3.41 20.65 4.29
C ILE B 211 -3.48 22.11 4.76
N TYR B 212 -4.57 22.49 5.42
CA TYR B 212 -4.79 23.88 5.79
C TYR B 212 -4.11 24.24 7.10
N GLN B 213 -3.71 23.22 7.84
CA GLN B 213 -2.96 23.42 9.07
CA GLN B 213 -2.97 23.41 9.08
C GLN B 213 -1.48 23.43 8.74
N LYS B 214 -0.67 23.88 9.69
CA LYS B 214 0.77 23.89 9.52
C LYS B 214 1.25 22.45 9.41
N LEU B 215 2.02 22.15 8.36
CA LEU B 215 2.60 20.83 8.18
C LEU B 215 4.12 20.90 8.28
N SER B 216 4.70 20.01 9.07
CA SER B 216 6.14 19.99 9.26
C SER B 216 6.80 19.01 8.29
N SER B 217 5.95 18.23 7.62
CA SER B 217 6.42 17.31 6.59
C SER B 217 5.22 16.76 5.82
N TYR B 218 5.50 16.14 4.68
CA TYR B 218 4.46 15.50 3.89
C TYR B 218 4.99 14.19 3.30
N ILE B 219 4.31 13.10 3.62
CA ILE B 219 4.69 11.79 3.10
C ILE B 219 4.00 11.56 1.76
N ILE B 220 4.76 11.70 0.67
CA ILE B 220 4.20 11.50 -0.66
C ILE B 220 3.72 10.05 -0.78
N PRO B 221 2.46 9.86 -1.20
CA PRO B 221 1.85 8.53 -1.29
C PRO B 221 2.49 7.63 -2.34
N GLY B 222 2.18 6.35 -2.26
CA GLY B 222 2.63 5.38 -3.25
C GLY B 222 3.85 4.60 -2.79
N PRO B 223 4.22 3.59 -3.58
CA PRO B 223 5.38 2.75 -3.27
C PRO B 223 6.67 3.54 -3.40
N PRO B 224 7.77 3.00 -2.88
CA PRO B 224 9.04 3.73 -2.81
C PRO B 224 9.60 4.10 -4.17
N LEU B 225 10.21 5.28 -4.23
CA LEU B 225 10.87 5.78 -5.43
C LEU B 225 11.98 4.83 -5.90
N TYR B 226 11.99 4.51 -7.18
CA TYR B 226 13.07 3.73 -7.76
C TYR B 226 14.27 4.63 -7.98
N THR B 227 15.29 4.60 -7.83
CA THR B 227 16.59 5.24 -7.78
C THR B 227 17.53 4.42 -8.63
#